data_8QBW
#
_entry.id   8QBW
#
_cell.length_a   1.00
_cell.length_b   1.00
_cell.length_c   1.00
_cell.angle_alpha   90.00
_cell.angle_beta   90.00
_cell.angle_gamma   90.00
#
_symmetry.space_group_name_H-M   'P 1'
#
_entity_poly.entity_id   1
_entity_poly.type   'polypeptide(L)'
_entity_poly.pdbx_seq_one_letter_code
;MGLFDRIKRVVSSNLNDLVNKAEDPEKMLEQAILEMQEDLVQLRQGVAQAIAAQKRSEKQYNDAQNEINKWQRNAQLALQ
KGDENLARQALERKKTYTDTSAALKASLDTQSTQVETLKRNLIQLESKISEAKTKKEMLKARITTAKAQEQLQGMVRGMN
TSSAMSAFERMEEKVLMQESRAQALGELAGADLETQFAQLEGGSDVDDELAALKAQMLP
;
_entity_poly.pdbx_strand_id   A
#
# COMPACT_ATOMS: atom_id res chain seq x y z
N MET A 1 39.71 2.95 -23.18
CA MET A 1 38.40 2.29 -22.93
C MET A 1 38.28 1.85 -21.48
N GLY A 2 39.42 1.77 -20.79
CA GLY A 2 39.40 1.47 -19.36
C GLY A 2 39.31 2.73 -18.54
N LEU A 3 39.22 3.88 -19.22
CA LEU A 3 39.11 5.16 -18.53
C LEU A 3 37.80 5.85 -18.87
N PHE A 4 37.34 5.72 -20.12
CA PHE A 4 36.06 6.30 -20.48
C PHE A 4 34.92 5.61 -19.74
N ASP A 5 35.04 4.30 -19.50
CA ASP A 5 34.05 3.61 -18.69
C ASP A 5 33.96 4.21 -17.30
N ARG A 6 35.12 4.47 -16.68
CA ARG A 6 35.15 5.07 -15.35
C ARG A 6 34.55 6.47 -15.37
N ILE A 7 34.88 7.26 -16.39
CA ILE A 7 34.33 8.61 -16.49
C ILE A 7 32.82 8.56 -16.61
N LYS A 8 32.31 7.66 -17.45
CA LYS A 8 30.87 7.57 -17.64
C LYS A 8 30.18 7.05 -16.39
N ARG A 9 30.81 6.14 -15.65
CA ARG A 9 30.23 5.70 -14.40
C ARG A 9 30.14 6.86 -13.40
N VAL A 10 31.17 7.70 -13.33
CA VAL A 10 31.12 8.84 -12.42
C VAL A 10 29.99 9.78 -12.83
N VAL A 11 29.87 10.07 -14.12
CA VAL A 11 28.82 10.96 -14.59
C VAL A 11 27.44 10.37 -14.27
N SER A 12 27.29 9.07 -14.49
CA SER A 12 26.02 8.41 -14.21
C SER A 12 25.68 8.47 -12.73
N SER A 13 26.65 8.28 -11.84
CA SER A 13 26.38 8.41 -10.42
C SER A 13 25.94 9.83 -10.07
N ASN A 14 26.61 10.82 -10.65
CA ASN A 14 26.20 12.20 -10.42
C ASN A 14 24.74 12.39 -10.79
N LEU A 15 24.37 11.98 -12.01
CA LEU A 15 23.00 12.20 -12.47
C LEU A 15 22.00 11.40 -11.64
N ASN A 16 22.33 10.16 -11.29
CA ASN A 16 21.39 9.34 -10.54
C ASN A 16 21.14 9.90 -9.16
N ASP A 17 22.17 10.44 -8.48
CA ASP A 17 21.90 11.07 -7.20
C ASP A 17 21.13 12.37 -7.38
N LEU A 18 21.44 13.13 -8.43
CA LEU A 18 20.68 14.35 -8.69
C LEU A 18 19.20 14.05 -8.89
N VAL A 19 18.87 12.89 -9.45
CA VAL A 19 17.48 12.51 -9.61
C VAL A 19 16.90 11.98 -8.31
N ASN A 20 17.58 11.02 -7.69
CA ASN A 20 17.09 10.46 -6.42
C ASN A 20 16.89 11.53 -5.36
N LYS A 21 17.49 12.72 -5.52
CA LYS A 21 17.14 13.83 -4.64
C LYS A 21 15.73 14.33 -4.90
N ALA A 22 15.30 14.34 -6.16
CA ALA A 22 14.01 14.91 -6.53
C ALA A 22 12.82 14.02 -6.18
N GLU A 23 12.98 12.71 -6.20
CA GLU A 23 11.87 11.81 -5.92
C GLU A 23 11.29 12.11 -4.54
N ASP A 24 9.96 12.20 -4.47
CA ASP A 24 9.26 12.52 -3.24
C ASP A 24 8.27 11.41 -2.93
N PRO A 25 8.39 10.71 -1.81
CA PRO A 25 7.59 9.48 -1.62
C PRO A 25 6.09 9.71 -1.72
N GLU A 26 5.59 10.86 -1.28
CA GLU A 26 4.15 11.08 -1.21
C GLU A 26 3.52 11.02 -2.60
N LYS A 27 4.19 11.58 -3.61
CA LYS A 27 3.62 11.59 -4.96
C LYS A 27 3.97 10.32 -5.73
N MET A 28 5.17 9.77 -5.50
CA MET A 28 5.57 8.56 -6.20
C MET A 28 4.71 7.38 -5.78
N LEU A 29 4.39 7.29 -4.48
CA LEU A 29 3.57 6.20 -3.98
C LEU A 29 2.20 6.16 -4.66
N GLU A 30 1.74 7.30 -5.19
CA GLU A 30 0.47 7.37 -5.89
C GLU A 30 0.61 7.21 -7.40
N GLN A 31 1.70 7.71 -7.98
CA GLN A 31 1.95 7.48 -9.40
C GLN A 31 2.11 5.99 -9.68
N ALA A 32 2.78 5.27 -8.79
CA ALA A 32 2.94 3.83 -8.98
C ALA A 32 1.58 3.14 -9.03
N ILE A 33 0.69 3.50 -8.11
CA ILE A 33 -0.65 2.91 -8.09
C ILE A 33 -1.39 3.26 -9.36
N LEU A 34 -1.29 4.52 -9.80
CA LEU A 34 -1.96 4.92 -11.03
C LEU A 34 -1.53 4.06 -12.20
N GLU A 35 -0.22 3.86 -12.37
CA GLU A 35 0.25 3.09 -13.50
C GLU A 35 -0.15 1.62 -13.39
N MET A 36 -0.12 1.07 -12.17
CA MET A 36 -0.55 -0.32 -11.99
C MET A 36 -1.99 -0.49 -12.44
N GLN A 37 -2.87 0.43 -12.04
CA GLN A 37 -4.26 0.34 -12.46
C GLN A 37 -4.39 0.51 -13.97
N GLU A 38 -3.63 1.44 -14.55
CA GLU A 38 -3.70 1.67 -15.98
C GLU A 38 -3.31 0.42 -16.76
N ASP A 39 -2.43 -0.41 -16.21
CA ASP A 39 -2.08 -1.65 -16.89
C ASP A 39 -3.13 -2.75 -16.64
N LEU A 40 -3.68 -2.77 -15.43
CA LEU A 40 -4.78 -3.70 -15.17
C LEU A 40 -5.91 -3.50 -16.15
N VAL A 41 -6.11 -2.26 -16.60
CA VAL A 41 -7.16 -1.98 -17.58
C VAL A 41 -6.93 -2.81 -18.85
N GLN A 42 -5.72 -2.77 -19.38
CA GLN A 42 -5.43 -3.50 -20.62
C GLN A 42 -5.54 -5.00 -20.39
N LEU A 43 -5.13 -5.48 -19.23
CA LEU A 43 -5.30 -6.91 -18.96
C LEU A 43 -6.78 -7.29 -18.97
N ARG A 44 -7.63 -6.43 -18.40
CA ARG A 44 -9.07 -6.67 -18.43
C ARG A 44 -9.56 -6.76 -19.87
N GLN A 45 -9.10 -5.84 -20.72
CA GLN A 45 -9.54 -5.88 -22.12
C GLN A 45 -9.13 -7.19 -22.80
N GLY A 46 -7.92 -7.66 -22.50
CA GLY A 46 -7.50 -8.94 -23.06
C GLY A 46 -8.41 -10.09 -22.64
N VAL A 47 -8.73 -10.14 -21.35
CA VAL A 47 -9.64 -11.19 -20.89
C VAL A 47 -10.99 -11.07 -21.57
N ALA A 48 -11.43 -9.82 -21.81
CA ALA A 48 -12.70 -9.62 -22.51
C ALA A 48 -12.64 -10.22 -23.91
N GLN A 49 -11.55 -9.99 -24.63
CA GLN A 49 -11.39 -10.60 -25.95
C GLN A 49 -11.49 -12.11 -25.87
N ALA A 50 -10.81 -12.71 -24.89
CA ALA A 50 -10.84 -14.16 -24.76
C ALA A 50 -12.27 -14.67 -24.56
N ILE A 51 -13.01 -14.03 -23.65
CA ILE A 51 -14.36 -14.50 -23.35
C ILE A 51 -15.26 -14.31 -24.57
N ALA A 52 -15.05 -13.24 -25.33
CA ALA A 52 -15.84 -13.04 -26.54
C ALA A 52 -15.60 -14.16 -27.55
N ALA A 53 -14.34 -14.56 -27.70
CA ALA A 53 -14.03 -15.68 -28.58
C ALA A 53 -14.77 -16.93 -28.12
N GLN A 54 -14.77 -17.19 -26.82
CA GLN A 54 -15.49 -18.35 -26.30
C GLN A 54 -16.98 -18.27 -26.63
N LYS A 55 -17.57 -17.08 -26.46
CA LYS A 55 -18.99 -16.92 -26.74
C LYS A 55 -19.30 -17.23 -28.19
N ARG A 56 -18.46 -16.73 -29.11
CA ARG A 56 -18.70 -17.01 -30.52
C ARG A 56 -18.59 -18.50 -30.81
N SER A 57 -17.60 -19.17 -30.20
CA SER A 57 -17.46 -20.61 -30.43
C SER A 57 -18.69 -21.37 -29.97
N GLU A 58 -19.21 -21.03 -28.78
CA GLU A 58 -20.39 -21.73 -28.29
C GLU A 58 -21.62 -21.42 -29.15
N LYS A 59 -21.71 -20.20 -29.69
CA LYS A 59 -22.81 -19.90 -30.60
C LYS A 59 -22.74 -20.78 -31.85
N GLN A 60 -21.53 -20.98 -32.38
CA GLN A 60 -21.39 -21.87 -33.52
C GLN A 60 -21.82 -23.28 -33.17
N TYR A 61 -21.42 -23.76 -31.99
CA TYR A 61 -21.89 -25.07 -31.52
C TYR A 61 -23.40 -25.14 -31.55
N ASN A 62 -24.06 -24.12 -31.01
CA ASN A 62 -25.52 -24.11 -30.94
C ASN A 62 -26.13 -24.17 -32.33
N ASP A 63 -25.57 -23.41 -33.28
CA ASP A 63 -26.11 -23.41 -34.63
C ASP A 63 -25.99 -24.79 -35.27
N ALA A 64 -24.83 -25.44 -35.11
CA ALA A 64 -24.65 -26.77 -35.67
C ALA A 64 -25.64 -27.75 -35.05
N GLN A 65 -25.81 -27.68 -33.73
CA GLN A 65 -26.74 -28.58 -33.06
C GLN A 65 -28.16 -28.37 -33.57
N ASN A 66 -28.56 -27.12 -33.78
CA ASN A 66 -29.90 -26.84 -34.31
C ASN A 66 -30.06 -27.45 -35.69
N GLU A 67 -29.10 -27.24 -36.59
CA GLU A 67 -29.26 -27.73 -37.94
C GLU A 67 -29.25 -29.25 -38.01
N ILE A 68 -28.58 -29.93 -37.08
CA ILE A 68 -28.63 -31.39 -37.05
C ILE A 68 -30.08 -31.86 -36.93
N ASN A 69 -30.80 -31.31 -35.95
CA ASN A 69 -32.19 -31.71 -35.74
C ASN A 69 -33.06 -31.23 -36.89
N LYS A 70 -32.74 -30.07 -37.47
CA LYS A 70 -33.48 -29.62 -38.64
C LYS A 70 -33.42 -30.65 -39.76
N TRP A 71 -32.22 -31.15 -40.04
CA TRP A 71 -32.09 -32.14 -41.11
C TRP A 71 -32.73 -33.47 -40.73
N GLN A 72 -32.69 -33.86 -39.46
CA GLN A 72 -33.41 -35.07 -39.08
C GLN A 72 -34.91 -34.92 -39.31
N ARG A 73 -35.48 -33.75 -38.97
CA ARG A 73 -36.90 -33.51 -39.23
C ARG A 73 -37.20 -33.53 -40.72
N ASN A 74 -36.32 -32.94 -41.53
CA ASN A 74 -36.55 -32.96 -42.97
C ASN A 74 -36.45 -34.37 -43.53
N ALA A 75 -35.61 -35.21 -42.94
CA ALA A 75 -35.61 -36.63 -43.30
C ALA A 75 -36.94 -37.27 -42.93
N GLN A 76 -37.49 -36.93 -41.76
CA GLN A 76 -38.84 -37.36 -41.41
C GLN A 76 -39.83 -37.01 -42.52
N LEU A 77 -39.81 -35.76 -42.96
CA LEU A 77 -40.74 -35.30 -43.98
C LEU A 77 -40.53 -36.07 -45.28
N ALA A 78 -39.28 -36.27 -45.68
CA ALA A 78 -38.99 -36.99 -46.91
C ALA A 78 -39.54 -38.41 -46.84
N LEU A 79 -39.28 -39.11 -45.72
CA LEU A 79 -39.76 -40.46 -45.59
C LEU A 79 -41.28 -40.51 -45.60
N GLN A 80 -41.94 -39.52 -45.00
CA GLN A 80 -43.39 -39.42 -45.08
C GLN A 80 -43.86 -39.30 -46.53
N LYS A 81 -43.47 -38.21 -47.20
CA LYS A 81 -44.00 -37.89 -48.51
C LYS A 81 -43.07 -38.30 -49.66
N GLY A 82 -41.77 -38.29 -49.45
CA GLY A 82 -40.82 -38.55 -50.53
C GLY A 82 -40.46 -40.01 -50.69
N ASP A 83 -39.20 -40.28 -50.99
CA ASP A 83 -38.73 -41.63 -51.26
C ASP A 83 -37.54 -41.93 -50.36
N GLU A 84 -36.91 -43.08 -50.60
CA GLU A 84 -35.81 -43.53 -49.75
C GLU A 84 -34.53 -42.75 -50.05
N ASN A 85 -34.32 -42.37 -51.30
CA ASN A 85 -33.11 -41.65 -51.67
C ASN A 85 -33.05 -40.28 -51.02
N LEU A 86 -34.17 -39.57 -50.96
CA LEU A 86 -34.18 -38.27 -50.32
C LEU A 86 -33.85 -38.37 -48.83
N ALA A 87 -34.42 -39.37 -48.16
CA ALA A 87 -34.07 -39.61 -46.75
C ALA A 87 -32.60 -39.98 -46.61
N ARG A 88 -32.08 -40.75 -47.57
CA ARG A 88 -30.66 -41.10 -47.54
C ARG A 88 -29.80 -39.85 -47.61
N GLN A 89 -30.13 -38.94 -48.53
CA GLN A 89 -29.36 -37.70 -48.66
C GLN A 89 -29.45 -36.87 -47.38
N ALA A 90 -30.65 -36.74 -46.83
CA ALA A 90 -30.83 -35.95 -45.61
C ALA A 90 -30.01 -36.53 -44.46
N LEU A 91 -30.05 -37.85 -44.30
CA LEU A 91 -29.27 -38.49 -43.24
C LEU A 91 -27.77 -38.34 -43.48
N GLU A 92 -27.34 -38.44 -44.74
CA GLU A 92 -25.92 -38.25 -45.04
C GLU A 92 -25.46 -36.86 -44.64
N ARG A 93 -26.24 -35.83 -44.94
CA ARG A 93 -25.90 -34.48 -44.51
C ARG A 93 -25.89 -34.35 -42.99
N LYS A 94 -26.90 -34.93 -42.34
CA LYS A 94 -27.00 -34.84 -40.89
C LYS A 94 -25.79 -35.50 -40.22
N LYS A 95 -25.26 -36.56 -40.81
CA LYS A 95 -24.08 -37.20 -40.26
C LYS A 95 -22.90 -36.24 -40.22
N THR A 96 -22.66 -35.53 -41.33
CA THR A 96 -21.55 -34.57 -41.37
C THR A 96 -21.78 -33.46 -40.36
N TYR A 97 -23.03 -32.98 -40.26
CA TYR A 97 -23.31 -31.92 -39.30
C TYR A 97 -23.02 -32.37 -37.86
N THR A 98 -23.42 -33.60 -37.52
CA THR A 98 -23.16 -34.11 -36.17
C THR A 98 -21.66 -34.24 -35.92
N ASP A 99 -20.92 -34.74 -36.92
CA ASP A 99 -19.47 -34.84 -36.76
C ASP A 99 -18.86 -33.47 -36.50
N THR A 100 -19.28 -32.46 -37.27
CA THR A 100 -18.75 -31.12 -37.08
C THR A 100 -19.07 -30.59 -35.69
N SER A 101 -20.30 -30.81 -35.22
CA SER A 101 -20.69 -30.33 -33.90
C SER A 101 -19.83 -30.94 -32.82
N ALA A 102 -19.63 -32.26 -32.88
CA ALA A 102 -18.81 -32.92 -31.87
C ALA A 102 -17.38 -32.41 -31.91
N ALA A 103 -16.81 -32.29 -33.10
CA ALA A 103 -15.43 -31.81 -33.22
C ALA A 103 -15.30 -30.40 -32.65
N LEU A 104 -16.30 -29.55 -32.87
CA LEU A 104 -16.22 -28.18 -32.39
C LEU A 104 -16.34 -28.10 -30.87
N LYS A 105 -17.22 -28.92 -30.28
CA LYS A 105 -17.32 -28.95 -28.83
C LYS A 105 -16.01 -29.44 -28.21
N ALA A 106 -15.33 -30.37 -28.88
CA ALA A 106 -14.07 -30.88 -28.36
C ALA A 106 -13.08 -29.75 -28.09
N SER A 107 -13.17 -28.67 -28.87
CA SER A 107 -12.26 -27.54 -28.67
C SER A 107 -12.88 -26.47 -27.77
N LEU A 108 -14.21 -26.33 -27.83
CA LEU A 108 -14.87 -25.40 -26.92
C LEU A 108 -14.53 -25.72 -25.46
N ASP A 109 -14.40 -27.01 -25.15
CA ASP A 109 -14.03 -27.40 -23.79
C ASP A 109 -12.71 -26.75 -23.37
N THR A 110 -11.67 -26.92 -24.18
CA THR A 110 -10.36 -26.36 -23.82
C THR A 110 -10.40 -24.84 -23.81
N GLN A 111 -11.21 -24.24 -24.68
CA GLN A 111 -11.34 -22.78 -24.66
C GLN A 111 -11.86 -22.32 -23.31
N SER A 112 -12.91 -22.99 -22.80
CA SER A 112 -13.42 -22.64 -21.47
C SER A 112 -12.35 -22.87 -20.40
N THR A 113 -11.61 -23.97 -20.52
CA THR A 113 -10.55 -24.22 -19.55
C THR A 113 -9.57 -23.06 -19.48
N GLN A 114 -9.15 -22.55 -20.64
CA GLN A 114 -8.21 -21.44 -20.65
C GLN A 114 -8.82 -20.17 -20.06
N VAL A 115 -10.07 -19.88 -20.43
CA VAL A 115 -10.71 -18.67 -19.91
C VAL A 115 -10.78 -18.71 -18.40
N GLU A 116 -10.94 -19.90 -17.82
CA GLU A 116 -10.97 -20.02 -16.36
C GLU A 116 -9.67 -19.48 -15.74
N THR A 117 -8.53 -19.93 -16.25
CA THR A 117 -7.26 -19.48 -15.73
C THR A 117 -7.10 -17.97 -15.92
N LEU A 118 -7.50 -17.46 -17.08
CA LEU A 118 -7.39 -16.02 -17.31
C LEU A 118 -8.16 -15.23 -16.26
N LYS A 119 -9.40 -15.66 -15.98
CA LYS A 119 -10.20 -14.96 -14.99
C LYS A 119 -9.56 -15.03 -13.60
N ARG A 120 -9.03 -16.20 -13.24
CA ARG A 120 -8.37 -16.33 -11.95
C ARG A 120 -7.20 -15.37 -11.82
N ASN A 121 -6.39 -15.27 -12.89
CA ASN A 121 -5.26 -14.36 -12.86
C ASN A 121 -5.71 -12.92 -12.69
N LEU A 122 -6.78 -12.53 -13.37
CA LEU A 122 -7.29 -11.17 -13.21
C LEU A 122 -7.74 -10.91 -11.78
N ILE A 123 -8.37 -11.91 -11.16
CA ILE A 123 -8.80 -11.75 -9.76
C ILE A 123 -7.58 -11.50 -8.87
N GLN A 124 -6.53 -12.28 -9.07
CA GLN A 124 -5.31 -12.09 -8.28
C GLN A 124 -4.75 -10.68 -8.51
N LEU A 125 -4.79 -10.21 -9.75
CA LEU A 125 -4.32 -8.86 -10.04
C LEU A 125 -5.06 -7.84 -9.19
N GLU A 126 -6.38 -7.94 -9.18
CA GLU A 126 -7.18 -6.97 -8.44
C GLU A 126 -6.84 -7.00 -6.96
N SER A 127 -6.68 -8.21 -6.41
CA SER A 127 -6.31 -8.32 -5.00
C SER A 127 -4.99 -7.62 -4.71
N LYS A 128 -3.99 -7.84 -5.57
CA LYS A 128 -2.69 -7.23 -5.34
C LYS A 128 -2.77 -5.71 -5.41
N ILE A 129 -3.51 -5.18 -6.37
CA ILE A 129 -3.65 -3.73 -6.47
C ILE A 129 -4.33 -3.18 -5.22
N SER A 130 -5.33 -3.88 -4.70
CA SER A 130 -5.99 -3.43 -3.48
C SER A 130 -5.02 -3.37 -2.31
N GLU A 131 -4.19 -4.40 -2.17
CA GLU A 131 -3.21 -4.41 -1.08
C GLU A 131 -2.24 -3.25 -1.22
N ALA A 132 -1.77 -2.98 -2.45
CA ALA A 132 -0.86 -1.86 -2.66
C ALA A 132 -1.53 -0.54 -2.30
N LYS A 133 -2.81 -0.39 -2.67
CA LYS A 133 -3.52 0.84 -2.34
C LYS A 133 -3.68 1.03 -0.84
N THR A 134 -3.85 -0.07 -0.09
CA THR A 134 -3.89 0.05 1.37
C THR A 134 -2.53 0.50 1.92
N LYS A 135 -1.45 -0.13 1.44
CA LYS A 135 -0.12 0.24 1.92
C LYS A 135 0.19 1.70 1.62
N LYS A 136 -0.29 2.22 0.49
CA LYS A 136 -0.03 3.63 0.18
C LYS A 136 -0.60 4.54 1.25
N GLU A 137 -1.85 4.29 1.66
CA GLU A 137 -2.48 5.12 2.67
C GLU A 137 -1.82 4.96 4.02
N MET A 138 -1.36 3.75 4.35
CA MET A 138 -0.60 3.59 5.58
C MET A 138 0.68 4.44 5.57
N LEU A 139 1.45 4.35 4.49
CA LEU A 139 2.75 5.01 4.47
C LEU A 139 2.61 6.53 4.36
N LYS A 140 1.52 7.02 3.76
CA LYS A 140 1.32 8.48 3.74
C LYS A 140 1.21 9.03 5.16
N ALA A 141 0.43 8.37 6.01
CA ALA A 141 0.33 8.78 7.41
C ALA A 141 1.66 8.63 8.12
N ARG A 142 2.37 7.53 7.85
CA ARG A 142 3.72 7.40 8.41
C ARG A 142 4.59 8.60 8.05
N ILE A 143 4.52 9.04 6.80
CA ILE A 143 5.32 10.18 6.36
C ILE A 143 4.95 11.44 7.14
N THR A 144 3.65 11.73 7.18
CA THR A 144 3.23 12.98 7.82
C THR A 144 3.50 12.97 9.32
N THR A 145 3.55 11.78 9.93
CA THR A 145 3.93 11.69 11.33
C THR A 145 5.42 11.92 11.51
N ALA A 146 6.24 11.18 10.76
CA ALA A 146 7.69 11.30 10.92
C ALA A 146 8.20 12.68 10.55
N LYS A 147 7.43 13.43 9.76
CA LYS A 147 7.86 14.78 9.41
C LYS A 147 7.88 15.72 10.61
N ALA A 148 7.25 15.35 11.73
CA ALA A 148 7.21 16.22 12.90
C ALA A 148 7.57 15.47 14.18
N GLN A 149 7.73 14.15 14.09
CA GLN A 149 8.16 13.38 15.26
C GLN A 149 9.52 13.85 15.77
N GLU A 150 10.29 14.51 14.91
CA GLU A 150 11.51 15.15 15.38
C GLU A 150 11.22 16.18 16.46
N GLN A 151 10.03 16.78 16.44
CA GLN A 151 9.63 17.75 17.43
C GLN A 151 9.13 17.12 18.73
N LEU A 152 8.98 15.80 18.76
CA LEU A 152 9.05 15.07 20.02
C LEU A 152 10.50 14.85 20.41
N GLN A 153 11.28 14.28 19.49
CA GLN A 153 12.57 13.74 19.89
C GLN A 153 13.54 14.83 20.31
N GLY A 154 13.31 16.08 19.90
CA GLY A 154 14.10 17.17 20.40
C GLY A 154 13.77 17.59 21.82
N MET A 155 12.72 17.02 22.42
CA MET A 155 12.29 17.47 23.74
C MET A 155 13.28 17.11 24.82
N VAL A 156 14.18 16.14 24.58
CA VAL A 156 15.14 15.77 25.61
C VAL A 156 16.05 16.95 25.88
N ARG A 157 16.59 17.00 27.10
CA ARG A 157 17.37 18.15 27.52
C ARG A 157 18.74 18.21 26.84
N GLY A 158 19.17 17.13 26.18
CA GLY A 158 20.52 17.09 25.66
C GLY A 158 20.70 17.69 24.29
N MET A 159 20.00 17.17 23.29
CA MET A 159 20.25 17.54 21.90
C MET A 159 19.64 18.90 21.58
N ASN A 160 20.33 19.65 20.72
CA ASN A 160 19.89 20.98 20.28
C ASN A 160 19.35 20.96 18.85
N THR A 161 18.95 19.78 18.35
CA THR A 161 18.45 19.69 16.98
C THR A 161 17.10 20.37 16.80
N SER A 162 16.44 20.74 17.89
CA SER A 162 15.15 21.43 17.84
C SER A 162 15.34 22.84 18.38
N SER A 163 15.42 23.82 17.49
CA SER A 163 15.62 25.20 17.91
C SER A 163 14.51 25.66 18.85
N ALA A 164 13.31 25.11 18.69
CA ALA A 164 12.19 25.50 19.55
C ALA A 164 12.51 25.22 21.02
N MET A 165 13.07 24.04 21.31
CA MET A 165 13.44 23.73 22.69
C MET A 165 14.83 24.23 23.04
N SER A 166 15.69 24.44 22.05
CA SER A 166 17.01 25.01 22.35
C SER A 166 16.88 26.43 22.87
N ALA A 167 16.04 27.25 22.23
CA ALA A 167 15.82 28.61 22.68
C ALA A 167 15.04 28.66 23.99
N PHE A 168 14.50 27.53 24.43
CA PHE A 168 13.88 27.43 25.75
C PHE A 168 14.92 27.05 26.81
N GLU A 169 15.76 26.06 26.50
CA GLU A 169 16.80 25.65 27.44
C GLU A 169 17.77 26.79 27.70
N ARG A 170 18.17 27.51 26.66
CA ARG A 170 19.12 28.60 26.85
C ARG A 170 18.53 29.69 27.74
N MET A 171 17.25 30.03 27.53
CA MET A 171 16.61 31.05 28.35
C MET A 171 16.48 30.57 29.80
N GLU A 172 16.12 29.31 29.99
CA GLU A 172 16.06 28.77 31.35
C GLU A 172 17.42 28.89 32.02
N GLU A 173 18.48 28.55 31.30
CA GLU A 173 19.83 28.65 31.85
C GLU A 173 20.17 30.08 32.20
N LYS A 174 19.81 31.03 31.32
CA LYS A 174 20.11 32.43 31.59
C LYS A 174 19.39 32.91 32.85
N VAL A 175 18.12 32.54 33.00
CA VAL A 175 17.37 32.96 34.17
C VAL A 175 17.97 32.36 35.44
N LEU A 176 18.30 31.08 35.40
CA LEU A 176 18.91 30.44 36.56
C LEU A 176 20.24 31.10 36.92
N MET A 177 21.05 31.42 35.91
CA MET A 177 22.31 32.09 36.16
C MET A 177 22.10 33.46 36.79
N GLN A 178 21.11 34.21 36.30
CA GLN A 178 20.82 35.53 36.87
C GLN A 178 20.45 35.40 38.34
N GLU A 179 19.55 34.46 38.66
CA GLU A 179 19.18 34.27 40.06
C GLU A 179 20.36 33.82 40.91
N SER A 180 21.20 32.93 40.37
CA SER A 180 22.38 32.49 41.11
C SER A 180 23.31 33.64 41.41
N ARG A 181 23.52 34.53 40.43
CA ARG A 181 24.36 35.70 40.67
C ARG A 181 23.78 36.57 41.77
N ALA A 182 22.49 36.90 41.66
CA ALA A 182 21.88 37.76 42.67
C ALA A 182 21.97 37.14 44.06
N GLN A 183 21.78 35.82 44.15
CA GLN A 183 21.86 35.17 45.47
C GLN A 183 23.29 35.13 45.98
N ALA A 184 24.25 34.73 45.14
CA ALA A 184 25.63 34.62 45.58
C ALA A 184 26.19 35.97 45.99
N LEU A 185 25.60 37.06 45.49
CA LEU A 185 25.97 38.38 46.00
C LEU A 185 25.80 38.47 47.51
N GLY A 186 25.11 37.51 48.13
CA GLY A 186 25.00 37.44 49.57
C GLY A 186 26.13 36.70 50.24
N GLU A 187 26.38 35.46 49.80
CA GLU A 187 27.51 34.72 50.34
C GLU A 187 28.79 35.53 50.17
N LEU A 188 28.85 36.38 49.15
CA LEU A 188 29.92 37.36 49.08
C LEU A 188 29.87 38.31 50.27
N ALA A 189 28.67 38.76 50.66
CA ALA A 189 28.53 39.67 51.79
C ALA A 189 28.97 39.03 53.10
N GLY A 190 28.93 37.72 53.20
CA GLY A 190 29.31 37.02 54.41
C GLY A 190 28.17 36.67 55.35
N ALA A 191 26.92 36.75 54.89
CA ALA A 191 25.78 36.45 55.75
C ALA A 191 25.46 34.96 55.80
N ASP A 192 26.16 34.13 55.01
CA ASP A 192 25.88 32.70 55.03
C ASP A 192 26.16 32.10 56.39
N LEU A 193 27.27 32.48 57.02
CA LEU A 193 27.59 31.96 58.34
C LEU A 193 26.54 32.39 59.36
N GLU A 194 26.11 33.65 59.28
CA GLU A 194 25.08 34.12 60.21
C GLU A 194 23.79 33.34 60.04
N THR A 195 23.38 33.10 58.79
CA THR A 195 22.17 32.33 58.54
C THR A 195 22.30 30.91 59.07
N GLN A 196 23.45 30.29 58.82
CA GLN A 196 23.67 28.93 59.31
C GLN A 196 23.57 28.87 60.83
N PHE A 197 24.23 29.81 61.51
CA PHE A 197 24.21 29.81 62.97
C PHE A 197 22.80 30.06 63.52
N ALA A 198 22.08 31.01 62.93
CA ALA A 198 20.72 31.28 63.39
C ALA A 198 19.82 30.06 63.18
N GLN A 199 19.95 29.38 62.04
CA GLN A 199 19.08 28.22 61.71
C GLN A 199 19.51 27.00 62.54
N LEU A 200 20.75 26.92 63.01
CA LEU A 200 21.17 25.85 63.90
C LEU A 200 20.41 25.86 65.21
N GLU A 201 19.88 27.01 65.63
CA GLU A 201 19.08 27.11 66.84
C GLU A 201 17.59 27.21 66.55
N GLY A 202 17.21 27.88 65.46
CA GLY A 202 15.80 28.11 65.21
C GLY A 202 15.07 26.93 64.59
N GLY A 203 15.81 26.00 63.99
CA GLY A 203 15.18 24.95 63.20
C GLY A 203 14.29 24.01 64.00
N SER A 204 14.74 23.58 65.18
CA SER A 204 14.04 22.55 65.93
C SER A 204 13.01 23.09 66.90
N ASP A 205 12.81 24.42 66.93
CA ASP A 205 11.89 25.00 67.90
C ASP A 205 10.46 24.52 67.67
N VAL A 206 10.05 24.45 66.40
CA VAL A 206 8.68 24.02 66.10
C VAL A 206 8.46 22.58 66.55
N ASP A 207 9.42 21.70 66.24
CA ASP A 207 9.28 20.30 66.61
C ASP A 207 9.28 20.14 68.13
N ASP A 208 10.17 20.85 68.81
CA ASP A 208 10.21 20.77 70.27
C ASP A 208 8.91 21.26 70.89
N GLU A 209 8.38 22.38 70.40
CA GLU A 209 7.11 22.89 70.90
C GLU A 209 5.97 21.91 70.65
N LEU A 210 5.93 21.29 69.47
CA LEU A 210 4.90 20.31 69.18
C LEU A 210 4.99 19.12 70.12
N ALA A 211 6.21 18.64 70.36
CA ALA A 211 6.39 17.50 71.26
C ALA A 211 5.96 17.87 72.68
N ALA A 212 6.35 19.04 73.16
CA ALA A 212 5.98 19.46 74.51
C ALA A 212 4.47 19.61 74.64
N LEU A 213 3.83 20.19 73.61
CA LEU A 213 2.39 20.37 73.65
C LEU A 213 1.66 19.03 73.61
N LYS A 214 2.16 18.09 72.81
CA LYS A 214 1.59 16.74 72.80
C LYS A 214 1.71 16.08 74.16
N ALA A 215 2.88 16.23 74.81
CA ALA A 215 3.05 15.67 76.14
C ALA A 215 2.09 16.31 77.13
N GLN A 216 1.91 17.62 77.05
CA GLN A 216 0.99 18.34 77.93
C GLN A 216 -0.43 17.84 77.73
N MET A 217 -0.83 17.66 76.47
CA MET A 217 -2.19 17.23 76.15
C MET A 217 -2.32 15.73 76.31
#